data_1PLF
#
_entry.id   1PLF
#
_cell.length_a   63.700
_cell.length_b   68.000
_cell.length_c   80.300
_cell.angle_alpha   90.00
_cell.angle_beta   90.00
_cell.angle_gamma   90.00
#
_symmetry.space_group_name_H-M   'P 21 21 21'
#
loop_
_entity.id
_entity.type
_entity.pdbx_description
1 polymer 'PLATELET FACTOR 4'
2 non-polymer 'TETRACYANONICKELATE ION'
3 water water
#
_entity_poly.entity_id   1
_entity_poly.type   'polypeptide(L)'
_entity_poly.pdbx_seq_one_letter_code
;DSEGGEDEDLQCVCLKTTSGINPRHISSLEVIGAGLHCPSPQLIATLKTGRKICLDQQNPLYKKIIKRLLKS
;
_entity_poly.pdbx_strand_id   A,B,C,D
#
loop_
_chem_comp.id
_chem_comp.type
_chem_comp.name
_chem_comp.formula
TCN non-polymer 'TETRACYANONICKELATE ION' 'C4 N4 Ni -2'
#
# COMPACT_ATOMS: atom_id res chain seq x y z
N LEU A 10 14.61 -7.92 11.98
CA LEU A 10 15.24 -6.63 11.76
C LEU A 10 14.31 -5.60 11.12
N GLN A 11 14.18 -5.59 9.81
CA GLN A 11 13.31 -4.59 9.15
C GLN A 11 11.88 -5.09 8.88
N CYS A 12 11.12 -5.29 9.90
CA CYS A 12 9.75 -5.73 9.81
C CYS A 12 8.90 -4.49 10.02
N VAL A 13 7.76 -4.40 9.40
CA VAL A 13 6.86 -3.25 9.58
C VAL A 13 6.02 -3.63 10.85
N CYS A 14 5.61 -4.89 10.81
CA CYS A 14 4.75 -5.42 11.86
C CYS A 14 5.49 -5.93 13.08
N LEU A 15 5.55 -5.15 14.13
CA LEU A 15 6.21 -5.61 15.37
C LEU A 15 5.11 -5.95 16.37
N LYS A 16 3.98 -5.31 16.20
CA LYS A 16 2.82 -5.53 17.06
C LYS A 16 1.53 -5.50 16.26
N THR A 17 0.78 -6.55 16.51
CA THR A 17 -0.51 -6.77 15.88
C THR A 17 -1.67 -6.27 16.72
N THR A 18 -2.84 -6.43 16.18
CA THR A 18 -4.16 -6.09 16.63
C THR A 18 -5.23 -7.09 16.16
N SER A 19 -6.17 -7.44 17.05
CA SER A 19 -7.26 -8.37 16.62
C SER A 19 -8.61 -7.70 16.85
N GLY A 20 -8.49 -6.49 17.38
CA GLY A 20 -9.66 -5.74 17.72
C GLY A 20 -10.29 -4.97 16.63
N ILE A 21 -10.17 -5.18 15.33
CA ILE A 21 -10.89 -4.26 14.43
C ILE A 21 -12.20 -4.81 13.86
N ASN A 22 -12.91 -3.84 13.29
CA ASN A 22 -14.17 -4.09 12.59
C ASN A 22 -13.82 -4.08 11.08
N PRO A 23 -14.03 -5.23 10.46
CA PRO A 23 -13.78 -5.47 9.05
C PRO A 23 -14.44 -4.52 8.08
N ARG A 24 -15.47 -3.89 8.63
CA ARG A 24 -16.28 -2.98 7.86
C ARG A 24 -15.36 -1.83 7.42
N HIS A 25 -14.49 -1.50 8.35
CA HIS A 25 -13.57 -0.38 8.23
C HIS A 25 -12.35 -0.58 7.36
N ILE A 26 -12.08 -1.82 6.98
CA ILE A 26 -10.91 -2.21 6.17
C ILE A 26 -11.18 -2.04 4.69
N SER A 27 -10.28 -1.29 4.06
CA SER A 27 -10.42 -1.06 2.62
C SER A 27 -9.48 -1.98 1.86
N SER A 28 -8.40 -2.46 2.50
CA SER A 28 -7.54 -3.41 1.77
C SER A 28 -6.69 -4.25 2.69
N LEU A 29 -6.25 -5.42 2.24
CA LEU A 29 -5.35 -6.27 3.02
C LEU A 29 -4.16 -6.75 2.21
N GLU A 30 -2.93 -6.65 2.70
CA GLU A 30 -1.76 -7.13 1.91
C GLU A 30 -1.01 -8.19 2.69
N VAL A 31 -0.76 -9.28 2.01
CA VAL A 31 -0.05 -10.44 2.62
C VAL A 31 1.34 -10.44 1.98
N ILE A 32 2.32 -10.23 2.87
CA ILE A 32 3.75 -10.22 2.55
C ILE A 32 4.41 -11.44 3.17
N GLY A 33 5.15 -12.12 2.35
CA GLY A 33 5.88 -13.33 2.78
C GLY A 33 7.16 -12.96 3.52
N ALA A 34 7.67 -13.95 4.26
CA ALA A 34 8.96 -13.84 5.00
C ALA A 34 10.05 -13.76 3.94
N GLY A 35 11.15 -13.11 4.26
CA GLY A 35 12.23 -12.93 3.25
C GLY A 35 13.39 -12.43 4.09
N LEU A 36 14.28 -11.78 3.46
CA LEU A 36 15.48 -11.20 4.05
C LEU A 36 15.14 -10.07 5.00
N HIS A 37 14.17 -9.23 4.68
CA HIS A 37 13.91 -8.15 5.67
C HIS A 37 13.27 -8.69 6.92
N CYS A 38 12.27 -9.55 6.65
CA CYS A 38 11.45 -10.04 7.78
C CYS A 38 11.19 -11.52 7.70
N PRO A 39 11.48 -12.14 8.83
CA PRO A 39 11.40 -13.60 8.97
C PRO A 39 10.01 -14.10 9.08
N SER A 40 9.04 -13.17 9.24
CA SER A 40 7.64 -13.74 9.34
C SER A 40 6.78 -13.04 8.32
N PRO A 41 5.71 -13.71 7.91
CA PRO A 41 4.71 -13.21 6.93
C PRO A 41 4.15 -11.93 7.56
N GLN A 42 3.65 -10.99 6.84
CA GLN A 42 3.14 -9.74 7.42
C GLN A 42 1.75 -9.50 6.83
N LEU A 43 0.84 -9.12 7.66
CA LEU A 43 -0.54 -8.84 7.26
C LEU A 43 -0.82 -7.39 7.52
N ILE A 44 -0.78 -6.55 6.47
CA ILE A 44 -1.04 -5.12 6.70
C ILE A 44 -2.42 -4.79 6.14
N ALA A 45 -3.27 -4.22 6.96
CA ALA A 45 -4.60 -3.73 6.63
C ALA A 45 -4.60 -2.21 6.63
N THR A 46 -5.18 -1.59 5.65
CA THR A 46 -5.40 -0.19 5.45
C THR A 46 -6.90 0.03 5.69
N LEU A 47 -7.07 1.00 6.57
CA LEU A 47 -8.45 1.39 6.91
C LEU A 47 -8.84 2.42 5.86
N LYS A 48 -10.15 2.56 5.79
CA LYS A 48 -10.81 3.51 4.90
C LYS A 48 -10.20 4.90 4.99
N THR A 49 -9.72 5.22 6.14
CA THR A 49 -9.07 6.51 6.41
C THR A 49 -7.65 6.59 5.91
N GLY A 50 -6.97 5.48 5.61
CA GLY A 50 -5.58 5.66 5.13
C GLY A 50 -4.55 5.13 6.14
N ARG A 51 -4.95 4.90 7.32
CA ARG A 51 -4.22 4.33 8.45
C ARG A 51 -4.15 2.81 8.22
N LYS A 52 -3.10 2.19 8.67
CA LYS A 52 -2.70 0.81 8.62
C LYS A 52 -2.62 0.12 9.97
N ILE A 53 -2.79 -1.15 10.05
CA ILE A 53 -2.69 -1.88 11.28
C ILE A 53 -2.09 -3.22 10.83
N CYS A 54 -1.54 -3.89 11.79
CA CYS A 54 -0.99 -5.20 11.47
C CYS A 54 -1.95 -6.22 12.05
N LEU A 55 -2.23 -7.32 11.43
CA LEU A 55 -3.09 -8.32 12.03
C LEU A 55 -2.26 -9.56 12.39
N ASP A 56 -2.85 -10.34 13.30
CA ASP A 56 -2.22 -11.62 13.76
C ASP A 56 -2.63 -12.74 12.82
N GLN A 57 -1.68 -13.52 12.32
CA GLN A 57 -2.05 -14.64 11.41
C GLN A 57 -2.55 -15.80 12.26
N GLN A 58 -2.31 -15.70 13.56
CA GLN A 58 -2.78 -16.71 14.54
C GLN A 58 -4.32 -16.56 14.59
N ASN A 59 -4.82 -15.36 14.69
CA ASN A 59 -6.24 -14.98 14.69
C ASN A 59 -6.77 -14.95 13.26
N PRO A 60 -7.91 -15.61 12.99
CA PRO A 60 -8.52 -15.74 11.67
C PRO A 60 -9.51 -14.70 11.24
N LEU A 61 -9.48 -13.58 11.93
CA LEU A 61 -10.21 -12.35 11.66
C LEU A 61 -9.83 -11.98 10.20
N TYR A 62 -8.54 -12.18 9.88
CA TYR A 62 -8.01 -11.87 8.56
C TYR A 62 -8.76 -12.64 7.47
N LYS A 63 -9.12 -13.86 7.89
CA LYS A 63 -9.85 -14.73 6.94
C LYS A 63 -11.22 -14.09 6.72
N LYS A 64 -11.77 -13.51 7.74
CA LYS A 64 -13.06 -12.86 7.75
C LYS A 64 -13.06 -11.65 6.84
N ILE A 65 -11.94 -10.97 6.94
CA ILE A 65 -11.61 -9.78 6.18
C ILE A 65 -11.32 -10.20 4.75
N ILE A 66 -10.51 -11.17 4.44
CA ILE A 66 -10.40 -11.49 3.01
C ILE A 66 -11.76 -11.75 2.36
N LYS A 67 -12.63 -12.56 2.95
CA LYS A 67 -13.96 -12.91 2.48
C LYS A 67 -14.88 -11.75 2.12
N ARG A 68 -14.92 -10.84 3.05
CA ARG A 68 -15.65 -9.59 2.98
C ARG A 68 -15.19 -8.65 1.85
N LEU A 69 -13.89 -8.57 1.57
CA LEU A 69 -13.33 -7.71 0.55
C LEU A 69 -13.67 -8.25 -0.83
N LEU A 70 -13.67 -9.57 -0.91
CA LEU A 70 -13.89 -10.30 -2.15
C LEU A 70 -15.34 -10.45 -2.54
N LYS A 71 -16.18 -10.45 -1.54
CA LYS A 71 -17.64 -10.67 -1.78
C LYS A 71 -18.25 -9.37 -1.29
N SER A 72 -17.79 -8.40 -2.06
CA SER A 72 -18.18 -6.99 -1.77
C SER A 72 -18.05 -6.12 -3.02
N GLU B 8 -14.56 8.24 -12.75
CA GLU B 8 -14.07 9.30 -13.62
C GLU B 8 -12.71 9.95 -13.36
N ASP B 9 -12.33 10.03 -12.13
CA ASP B 9 -11.11 10.56 -11.50
C ASP B 9 -10.06 9.44 -11.44
N LEU B 10 -10.49 8.25 -11.07
CA LEU B 10 -9.66 7.10 -10.92
C LEU B 10 -10.28 5.88 -11.60
N GLN B 11 -9.46 4.96 -12.01
CA GLN B 11 -9.90 3.72 -12.64
C GLN B 11 -9.19 2.58 -11.88
N CYS B 12 -9.59 1.37 -12.16
CA CYS B 12 -9.04 0.14 -11.59
C CYS B 12 -7.65 -0.06 -12.13
N VAL B 13 -6.75 -0.54 -11.29
CA VAL B 13 -5.36 -0.80 -11.71
C VAL B 13 -5.23 -2.04 -12.59
N CYS B 14 -6.10 -3.00 -12.38
CA CYS B 14 -6.10 -4.26 -13.11
C CYS B 14 -6.88 -4.17 -14.41
N LEU B 15 -6.17 -4.35 -15.50
CA LEU B 15 -6.67 -4.36 -16.87
C LEU B 15 -7.21 -5.79 -17.14
N LYS B 16 -6.34 -6.76 -16.90
CA LYS B 16 -6.61 -8.18 -17.09
C LYS B 16 -6.01 -9.03 -15.94
N THR B 17 -6.54 -10.24 -15.84
CA THR B 17 -6.10 -11.27 -14.92
C THR B 17 -5.21 -12.31 -15.57
N THR B 18 -4.34 -12.94 -14.83
CA THR B 18 -3.39 -13.95 -15.23
C THR B 18 -3.56 -15.22 -14.43
N SER B 19 -3.25 -16.36 -15.03
CA SER B 19 -3.46 -17.56 -14.17
C SER B 19 -2.45 -18.62 -14.18
N GLY B 20 -1.39 -18.53 -14.99
CA GLY B 20 -0.52 -19.76 -14.80
C GLY B 20 0.53 -19.49 -13.74
N ILE B 21 0.41 -18.73 -12.64
CA ILE B 21 1.63 -18.57 -11.82
C ILE B 21 1.77 -19.58 -10.72
N ASN B 22 3.01 -19.81 -10.37
CA ASN B 22 3.50 -20.73 -9.34
C ASN B 22 3.42 -20.00 -7.98
N PRO B 23 2.62 -20.50 -7.06
CA PRO B 23 2.49 -19.83 -5.76
C PRO B 23 3.81 -19.41 -5.20
N ARG B 24 4.88 -20.12 -5.49
CA ARG B 24 6.18 -19.81 -4.96
C ARG B 24 6.98 -18.70 -5.62
N HIS B 25 6.54 -18.02 -6.65
CA HIS B 25 7.26 -16.92 -7.26
C HIS B 25 6.77 -15.54 -6.74
N ILE B 26 5.80 -15.58 -5.86
CA ILE B 26 5.11 -14.45 -5.32
C ILE B 26 5.73 -13.94 -4.03
N SER B 27 5.98 -12.63 -3.93
CA SER B 27 6.44 -12.16 -2.60
C SER B 27 5.32 -11.45 -1.90
N SER B 28 4.26 -11.00 -2.53
CA SER B 28 3.19 -10.31 -1.79
C SER B 28 1.84 -10.46 -2.44
N LEU B 29 0.75 -10.46 -1.71
CA LEU B 29 -0.58 -10.49 -2.28
C LEU B 29 -1.38 -9.33 -1.66
N GLU B 30 -1.97 -8.51 -2.49
CA GLU B 30 -2.83 -7.42 -1.99
C GLU B 30 -4.29 -7.57 -2.38
N VAL B 31 -5.22 -7.55 -1.50
CA VAL B 31 -6.65 -7.66 -1.67
C VAL B 31 -7.33 -6.31 -1.47
N ILE B 32 -7.87 -5.74 -2.52
CA ILE B 32 -8.53 -4.44 -2.48
C ILE B 32 -10.04 -4.58 -2.69
N GLY B 33 -10.76 -4.01 -1.76
CA GLY B 33 -12.20 -4.07 -1.85
C GLY B 33 -12.69 -3.19 -2.98
N ALA B 34 -13.93 -3.41 -3.33
CA ALA B 34 -14.59 -2.56 -4.36
C ALA B 34 -14.84 -1.22 -3.67
N GLY B 35 -14.87 -0.16 -4.40
CA GLY B 35 -15.14 1.15 -3.73
C GLY B 35 -15.47 2.15 -4.83
N LEU B 36 -15.30 3.44 -4.54
CA LEU B 36 -15.58 4.40 -5.63
C LEU B 36 -14.44 4.38 -6.66
N HIS B 37 -13.27 3.97 -6.25
CA HIS B 37 -12.00 3.85 -6.94
C HIS B 37 -11.94 2.78 -8.03
N CYS B 38 -12.73 1.75 -7.84
CA CYS B 38 -12.91 0.54 -8.64
C CYS B 38 -14.12 -0.26 -8.09
N PRO B 39 -15.07 -0.56 -8.97
CA PRO B 39 -16.28 -1.28 -8.61
C PRO B 39 -16.09 -2.74 -8.32
N SER B 40 -14.94 -3.31 -8.55
CA SER B 40 -14.81 -4.74 -8.14
C SER B 40 -13.54 -4.88 -7.29
N PRO B 41 -13.54 -5.93 -6.50
CA PRO B 41 -12.39 -6.26 -5.62
C PRO B 41 -11.22 -6.65 -6.51
N GLN B 42 -9.98 -6.42 -6.13
CA GLN B 42 -8.85 -6.77 -7.02
C GLN B 42 -7.86 -7.57 -6.19
N LEU B 43 -7.17 -8.46 -6.90
CA LEU B 43 -6.16 -9.32 -6.31
C LEU B 43 -4.87 -9.00 -7.08
N ILE B 44 -3.92 -8.32 -6.47
CA ILE B 44 -2.63 -8.00 -7.13
C ILE B 44 -1.50 -8.72 -6.41
N ALA B 45 -0.82 -9.55 -7.09
CA ALA B 45 0.31 -10.35 -6.57
C ALA B 45 1.61 -9.77 -7.12
N THR B 46 2.64 -9.59 -6.31
CA THR B 46 3.95 -9.15 -6.75
C THR B 46 4.88 -10.35 -6.81
N LEU B 47 5.43 -10.62 -7.96
CA LEU B 47 6.42 -11.70 -8.11
C LEU B 47 7.66 -11.07 -7.42
N LYS B 48 8.57 -11.87 -6.97
CA LYS B 48 9.83 -11.52 -6.31
C LYS B 48 10.79 -10.80 -7.26
N THR B 49 10.50 -10.84 -8.53
CA THR B 49 11.14 -10.25 -9.65
C THR B 49 10.55 -8.82 -9.79
N GLY B 50 9.49 -8.54 -9.05
CA GLY B 50 8.93 -7.19 -9.18
C GLY B 50 7.78 -7.07 -10.14
N ARG B 51 7.56 -8.07 -10.96
CA ARG B 51 6.39 -7.96 -11.89
C ARG B 51 5.15 -8.10 -10.98
N LYS B 52 4.13 -7.39 -11.35
CA LYS B 52 2.80 -7.37 -10.76
C LYS B 52 1.77 -7.91 -11.75
N ILE B 53 0.83 -8.71 -11.27
CA ILE B 53 -0.23 -9.31 -12.08
C ILE B 53 -1.50 -9.28 -11.23
N CYS B 54 -2.59 -9.44 -11.93
CA CYS B 54 -3.89 -9.46 -11.19
C CYS B 54 -4.36 -10.90 -11.34
N LEU B 55 -5.00 -11.47 -10.40
CA LEU B 55 -5.54 -12.83 -10.36
C LEU B 55 -7.08 -12.68 -10.40
N ASP B 56 -7.71 -13.77 -10.79
CA ASP B 56 -9.18 -13.82 -10.81
C ASP B 56 -9.65 -14.49 -9.50
N GLN B 57 -10.46 -13.78 -8.79
CA GLN B 57 -11.04 -14.18 -7.49
C GLN B 57 -11.87 -15.46 -7.62
N GLN B 58 -12.13 -15.75 -8.90
CA GLN B 58 -12.95 -16.91 -9.26
C GLN B 58 -12.11 -18.10 -9.68
N ASN B 59 -10.87 -18.02 -9.25
CA ASN B 59 -9.81 -19.03 -9.42
C ASN B 59 -9.28 -19.21 -7.98
N PRO B 60 -9.26 -20.44 -7.54
CA PRO B 60 -8.80 -20.78 -6.19
C PRO B 60 -7.29 -20.62 -6.12
N LEU B 61 -6.66 -20.24 -7.21
CA LEU B 61 -5.20 -20.06 -7.15
C LEU B 61 -4.88 -19.04 -6.05
N TYR B 62 -5.65 -17.99 -5.91
CA TYR B 62 -5.30 -17.02 -4.87
C TYR B 62 -5.28 -17.68 -3.53
N LYS B 63 -6.02 -18.71 -3.27
CA LYS B 63 -6.02 -19.32 -1.94
C LYS B 63 -4.73 -20.11 -1.65
N LYS B 64 -4.13 -20.67 -2.68
CA LYS B 64 -2.88 -21.38 -2.62
C LYS B 64 -1.70 -20.44 -2.26
N ILE B 65 -1.69 -19.28 -2.83
CA ILE B 65 -0.71 -18.22 -2.67
C ILE B 65 -0.73 -17.78 -1.21
N ILE B 66 -1.94 -17.50 -0.74
CA ILE B 66 -2.13 -17.05 0.63
C ILE B 66 -1.62 -18.10 1.63
N LYS B 67 -1.80 -19.34 1.27
CA LYS B 67 -1.37 -20.46 2.11
C LYS B 67 0.15 -20.52 2.06
N ARG B 68 0.70 -20.39 0.88
CA ARG B 68 2.13 -20.41 0.63
C ARG B 68 2.85 -19.24 1.30
N LEU B 69 2.25 -18.06 1.26
CA LEU B 69 2.82 -16.81 1.81
C LEU B 69 2.89 -16.81 3.34
N LEU B 70 1.95 -17.51 3.95
CA LEU B 70 1.90 -17.56 5.41
C LEU B 70 2.87 -18.57 5.98
N LYS B 71 3.56 -19.28 5.09
CA LYS B 71 4.48 -20.31 5.52
C LYS B 71 5.70 -19.68 6.14
N SER B 72 6.72 -19.33 5.40
CA SER B 72 7.91 -18.77 6.08
C SER B 72 8.97 -19.89 6.20
N LEU C 10 -5.82 4.04 17.87
CA LEU C 10 -5.03 2.86 18.22
C LEU C 10 -3.52 3.12 18.37
N GLN C 11 -2.72 2.46 17.50
CA GLN C 11 -1.27 2.65 17.59
C GLN C 11 -0.51 2.61 16.28
N CYS C 12 0.75 3.03 16.44
CA CYS C 12 1.72 3.09 15.38
C CYS C 12 2.06 1.67 14.91
N VAL C 13 2.31 1.66 13.60
CA VAL C 13 2.70 0.41 12.95
C VAL C 13 4.22 0.41 12.81
N CYS C 14 4.74 1.57 12.54
CA CYS C 14 6.15 1.74 12.31
C CYS C 14 6.82 1.95 13.66
N LEU C 15 7.06 0.90 14.37
CA LEU C 15 7.77 1.00 15.67
C LEU C 15 9.29 0.98 15.42
N LYS C 16 9.76 0.31 14.40
CA LYS C 16 11.15 0.18 13.98
C LYS C 16 11.41 0.74 12.59
N THR C 17 12.25 1.75 12.47
CA THR C 17 12.58 2.37 11.18
C THR C 17 13.97 1.99 10.75
N THR C 18 14.20 2.18 9.47
CA THR C 18 15.44 1.85 8.81
C THR C 18 15.86 2.88 7.77
N SER C 19 17.19 2.82 7.55
CA SER C 19 17.82 3.72 6.57
C SER C 19 18.82 2.96 5.70
N GLY C 20 19.04 1.71 6.06
CA GLY C 20 20.00 0.90 5.25
C GLY C 20 19.27 0.42 4.00
N ILE C 21 18.91 1.36 3.08
CA ILE C 21 18.25 1.00 1.83
C ILE C 21 18.71 1.94 0.71
N ASN C 22 18.45 1.40 -0.46
CA ASN C 22 18.84 2.02 -1.74
C ASN C 22 17.66 2.62 -2.44
N PRO C 23 17.64 3.94 -2.53
CA PRO C 23 16.59 4.73 -3.13
C PRO C 23 16.09 4.20 -4.45
N ARG C 24 17.07 3.70 -5.10
CA ARG C 24 16.87 3.15 -6.44
C ARG C 24 16.03 1.92 -6.35
N HIS C 25 15.96 1.22 -5.22
CA HIS C 25 15.12 0.02 -5.14
C HIS C 25 13.68 0.30 -4.76
N ILE C 26 13.38 1.53 -4.46
CA ILE C 26 11.98 1.86 -4.06
C ILE C 26 11.06 2.00 -5.26
N SER C 27 9.84 1.45 -5.16
CA SER C 27 8.80 1.60 -6.21
C SER C 27 7.71 2.57 -5.76
N SER C 28 7.47 2.80 -4.48
CA SER C 28 6.53 3.69 -3.92
C SER C 28 6.71 4.03 -2.46
N LEU C 29 6.18 5.20 -2.06
CA LEU C 29 6.25 5.69 -0.75
C LEU C 29 4.90 6.24 -0.35
N GLU C 30 4.51 5.97 0.87
CA GLU C 30 3.30 6.36 1.49
C GLU C 30 3.60 7.11 2.76
N VAL C 31 3.01 8.30 2.87
CA VAL C 31 3.20 9.16 4.07
C VAL C 31 1.89 9.14 4.84
N ILE C 32 1.84 8.70 6.06
CA ILE C 32 0.50 8.70 6.75
C ILE C 32 0.61 9.79 7.81
N GLY C 33 -0.21 10.79 7.78
CA GLY C 33 -0.04 11.83 8.80
C GLY C 33 -0.40 11.29 10.17
N ALA C 34 0.10 12.00 11.19
CA ALA C 34 -0.14 11.67 12.61
C ALA C 34 -1.59 12.07 12.92
N GLY C 35 -2.19 11.51 13.93
CA GLY C 35 -3.50 11.73 14.45
C GLY C 35 -3.66 10.90 15.72
N LEU C 36 -4.91 10.48 15.98
CA LEU C 36 -5.16 9.70 17.21
C LEU C 36 -4.50 8.37 17.29
N HIS C 37 -4.13 7.84 16.13
CA HIS C 37 -3.56 6.50 16.13
C HIS C 37 -2.09 6.44 16.36
N CYS C 38 -1.45 7.56 16.09
CA CYS C 38 0.03 7.61 16.17
C CYS C 38 0.37 9.10 16.23
N PRO C 39 1.12 9.48 17.22
CA PRO C 39 1.53 10.87 17.40
C PRO C 39 2.54 11.30 16.38
N SER C 40 3.14 10.45 15.56
CA SER C 40 4.02 11.01 14.57
C SER C 40 3.70 10.45 13.18
N PRO C 41 4.19 11.12 12.21
CA PRO C 41 4.03 10.69 10.80
C PRO C 41 4.67 9.33 10.63
N GLN C 42 4.21 8.55 9.65
CA GLN C 42 4.72 7.19 9.31
C GLN C 42 5.06 7.17 7.84
N LEU C 43 6.18 6.72 7.47
CA LEU C 43 6.68 6.70 6.10
C LEU C 43 6.94 5.25 5.75
N ILE C 44 6.14 4.64 4.92
CA ILE C 44 6.29 3.21 4.56
C ILE C 44 6.70 3.15 3.11
N ALA C 45 7.82 2.55 2.78
CA ALA C 45 8.34 2.47 1.42
C ALA C 45 8.13 1.06 0.91
N THR C 46 7.83 0.85 -0.35
CA THR C 46 7.65 -0.51 -0.88
C THR C 46 8.82 -0.72 -1.80
N LEU C 47 9.56 -1.76 -1.62
CA LEU C 47 10.67 -2.07 -2.51
C LEU C 47 10.01 -2.68 -3.77
N LYS C 48 10.77 -2.65 -4.80
CA LYS C 48 10.42 -3.12 -6.13
C LYS C 48 10.14 -4.63 -6.05
N THR C 49 10.70 -5.28 -5.02
CA THR C 49 10.48 -6.73 -4.91
C THR C 49 9.28 -7.08 -4.04
N GLY C 50 8.54 -6.11 -3.50
CA GLY C 50 7.36 -6.48 -2.73
C GLY C 50 7.37 -6.21 -1.27
N ARG C 51 8.57 -6.01 -0.76
CA ARG C 51 8.84 -5.73 0.63
C ARG C 51 8.53 -4.28 0.93
N LYS C 52 8.17 -4.11 2.20
CA LYS C 52 7.82 -2.86 2.83
C LYS C 52 8.74 -2.62 4.01
N ILE C 53 9.14 -1.38 4.21
CA ILE C 53 9.98 -1.02 5.34
C ILE C 53 9.52 0.36 5.84
N CYS C 54 9.86 0.62 7.12
CA CYS C 54 9.54 1.95 7.70
C CYS C 54 10.78 2.83 7.61
N LEU C 55 10.63 4.06 7.14
CA LEU C 55 11.73 5.02 7.04
C LEU C 55 11.64 5.95 8.28
N ASP C 56 12.76 6.58 8.56
CA ASP C 56 12.83 7.54 9.69
C ASP C 56 12.76 8.91 9.03
N GLN C 57 11.84 9.72 9.48
CA GLN C 57 11.67 11.07 8.97
C GLN C 57 12.93 11.93 9.31
N GLN C 58 13.64 11.44 10.31
CA GLN C 58 14.85 12.14 10.79
C GLN C 58 15.97 12.05 9.78
N ASN C 59 15.98 11.02 8.98
CA ASN C 59 17.02 10.86 7.95
C ASN C 59 16.44 11.60 6.76
N PRO C 60 17.21 12.23 5.94
CA PRO C 60 16.71 12.93 4.76
C PRO C 60 16.65 11.97 3.60
N LEU C 61 17.04 10.73 3.81
CA LEU C 61 16.97 9.71 2.76
C LEU C 61 15.60 9.82 2.08
N TYR C 62 14.53 9.90 2.85
CA TYR C 62 13.17 9.97 2.33
C TYR C 62 12.91 11.08 1.33
N LYS C 63 13.65 12.16 1.37
CA LYS C 63 13.44 13.26 0.43
C LYS C 63 14.10 12.89 -0.91
N LYS C 64 15.12 12.07 -0.85
CA LYS C 64 15.82 11.64 -2.07
C LYS C 64 14.90 10.66 -2.86
N ILE C 65 14.19 9.83 -2.11
CA ILE C 65 13.23 8.85 -2.60
C ILE C 65 12.10 9.59 -3.36
N ILE C 66 11.50 10.57 -2.72
CA ILE C 66 10.46 11.35 -3.31
C ILE C 66 10.89 12.06 -4.58
N LYS C 67 12.13 12.52 -4.72
CA LYS C 67 12.60 13.15 -5.95
C LYS C 67 12.75 12.11 -7.06
N ARG C 68 13.38 11.01 -6.78
CA ARG C 68 13.56 9.91 -7.74
C ARG C 68 12.18 9.46 -8.20
N LEU C 69 11.24 9.25 -7.30
CA LEU C 69 9.89 8.80 -7.71
C LEU C 69 9.20 9.84 -8.59
N LEU C 70 9.34 11.11 -8.32
CA LEU C 70 8.71 12.17 -9.08
C LEU C 70 9.44 12.37 -10.39
N LYS C 71 10.56 11.73 -10.60
CA LYS C 71 11.28 11.88 -11.85
C LYS C 71 10.86 10.93 -12.94
N SER C 72 11.35 9.73 -12.99
CA SER C 72 11.05 8.74 -14.02
C SER C 72 10.12 9.08 -15.20
N GLU D 8 0.59 -5.63 -20.00
CA GLU D 8 -0.81 -5.24 -20.15
C GLU D 8 -1.84 -5.64 -19.11
N ASP D 9 -1.47 -6.05 -17.93
CA ASP D 9 -2.33 -6.43 -16.82
C ASP D 9 -2.79 -5.23 -16.00
N LEU D 10 -1.89 -4.30 -15.81
CA LEU D 10 -2.09 -3.07 -15.06
C LEU D 10 -2.09 -1.81 -15.93
N GLN D 11 -2.77 -0.80 -15.45
CA GLN D 11 -2.86 0.52 -16.09
C GLN D 11 -2.77 1.64 -15.04
N CYS D 12 -2.85 2.88 -15.50
CA CYS D 12 -2.83 4.03 -14.57
C CYS D 12 -4.13 4.11 -13.80
N VAL D 13 -4.11 4.44 -12.50
CA VAL D 13 -5.40 4.59 -11.79
C VAL D 13 -5.87 6.04 -11.85
N CYS D 14 -4.95 6.96 -11.97
CA CYS D 14 -5.14 8.40 -12.01
C CYS D 14 -5.52 8.90 -13.38
N LEU D 15 -6.79 9.19 -13.58
CA LEU D 15 -7.36 9.70 -14.85
C LEU D 15 -7.31 11.23 -14.94
N LYS D 16 -7.83 11.89 -13.95
CA LYS D 16 -7.93 13.28 -13.63
C LYS D 16 -7.34 13.57 -12.21
N THR D 17 -6.76 14.76 -12.08
CA THR D 17 -6.18 15.30 -10.84
C THR D 17 -7.12 16.33 -10.22
N THR D 18 -6.87 16.75 -9.02
CA THR D 18 -7.73 17.68 -8.24
C THR D 18 -6.87 18.78 -7.70
N SER D 19 -7.38 20.01 -7.58
CA SER D 19 -6.57 21.15 -7.09
C SER D 19 -7.25 21.97 -6.02
N GLY D 20 -8.50 21.59 -5.74
CA GLY D 20 -9.22 22.36 -4.71
C GLY D 20 -9.45 21.52 -3.47
N ILE D 21 -8.37 21.12 -2.81
CA ILE D 21 -8.54 20.33 -1.59
C ILE D 21 -7.88 21.08 -0.43
N ASN D 22 -8.54 20.84 0.71
CA ASN D 22 -8.01 21.46 1.93
C ASN D 22 -6.97 20.46 2.49
N PRO D 23 -5.77 20.95 2.56
CA PRO D 23 -4.62 20.16 3.05
C PRO D 23 -4.90 19.47 4.37
N ARG D 24 -5.86 19.97 5.11
CA ARG D 24 -6.30 19.45 6.37
C ARG D 24 -7.25 18.26 6.23
N HIS D 25 -7.67 17.93 5.01
CA HIS D 25 -8.62 16.82 4.80
C HIS D 25 -7.98 15.49 4.44
N ILE D 26 -6.73 15.65 4.06
CA ILE D 26 -5.82 14.58 3.66
C ILE D 26 -5.27 13.82 4.85
N SER D 27 -5.39 12.51 4.89
CA SER D 27 -4.79 11.74 5.99
C SER D 27 -3.52 11.00 5.55
N SER D 28 -3.32 10.78 4.25
CA SER D 28 -2.16 10.05 3.79
C SER D 28 -1.91 10.38 2.33
N LEU D 29 -0.71 10.13 1.88
CA LEU D 29 -0.32 10.40 0.51
C LEU D 29 0.57 9.25 0.08
N GLU D 30 0.35 8.87 -1.15
CA GLU D 30 1.14 7.78 -1.73
C GLU D 30 1.78 8.26 -3.02
N VAL D 31 3.08 8.11 -3.14
CA VAL D 31 3.78 8.54 -4.38
C VAL D 31 4.18 7.27 -5.09
N ILE D 32 3.76 7.03 -6.29
CA ILE D 32 4.11 5.80 -7.04
C ILE D 32 4.92 6.17 -8.27
N GLY D 33 6.09 5.60 -8.38
CA GLY D 33 6.96 5.97 -9.51
C GLY D 33 6.45 5.30 -10.78
N ALA D 34 6.93 5.79 -11.93
CA ALA D 34 6.49 5.23 -13.24
C ALA D 34 7.07 3.84 -13.41
N GLY D 35 6.63 3.09 -14.40
CA GLY D 35 7.11 1.72 -14.62
C GLY D 35 6.14 1.09 -15.63
N LEU D 36 6.10 -0.22 -15.69
CA LEU D 36 5.29 -1.01 -16.57
C LEU D 36 3.82 -0.63 -16.44
N HIS D 37 3.32 -0.44 -15.26
CA HIS D 37 1.92 -0.11 -14.97
C HIS D 37 1.48 1.24 -15.41
N CYS D 38 2.33 2.25 -15.43
CA CYS D 38 1.92 3.62 -15.80
C CYS D 38 3.22 4.38 -16.10
N PRO D 39 3.29 5.01 -17.30
CA PRO D 39 4.47 5.72 -17.74
C PRO D 39 4.78 7.00 -17.02
N SER D 40 3.93 7.41 -16.12
CA SER D 40 4.01 8.59 -15.26
C SER D 40 3.86 8.20 -13.75
N PRO D 41 4.46 9.04 -12.95
CA PRO D 41 4.37 8.94 -11.49
C PRO D 41 2.92 9.20 -11.07
N GLN D 42 2.38 8.87 -9.93
CA GLN D 42 0.99 9.17 -9.54
C GLN D 42 1.02 9.58 -8.06
N LEU D 43 0.28 10.56 -7.69
CA LEU D 43 0.21 11.07 -6.37
C LEU D 43 -1.27 10.86 -5.96
N ILE D 44 -1.49 9.85 -5.16
CA ILE D 44 -2.82 9.53 -4.64
C ILE D 44 -2.94 9.91 -3.17
N ALA D 45 -3.91 10.79 -2.87
CA ALA D 45 -4.17 11.21 -1.49
C ALA D 45 -5.42 10.52 -1.01
N THR D 46 -5.48 10.17 0.26
CA THR D 46 -6.68 9.61 0.88
C THR D 46 -7.17 10.73 1.82
N LEU D 47 -8.39 11.19 1.63
CA LEU D 47 -8.91 12.26 2.50
C LEU D 47 -9.38 11.47 3.72
N LYS D 48 -9.66 12.28 4.70
CA LYS D 48 -10.07 11.76 6.02
C LYS D 48 -11.38 11.02 6.04
N THR D 49 -12.13 11.26 5.00
CA THR D 49 -13.45 10.76 4.63
C THR D 49 -13.39 9.42 3.89
N GLY D 50 -12.21 8.92 3.59
CA GLY D 50 -12.04 7.64 2.91
C GLY D 50 -11.97 7.86 1.41
N ARG D 51 -12.21 9.06 0.94
CA ARG D 51 -12.15 9.30 -0.52
C ARG D 51 -10.78 9.50 -1.06
N LYS D 52 -10.44 8.97 -2.22
CA LYS D 52 -9.14 9.13 -2.89
C LYS D 52 -9.17 10.12 -4.03
N ILE D 53 -8.06 10.80 -4.24
CA ILE D 53 -7.90 11.79 -5.31
C ILE D 53 -6.47 11.76 -5.80
N CYS D 54 -6.18 12.25 -6.99
CA CYS D 54 -4.84 12.29 -7.56
C CYS D 54 -4.43 13.73 -7.54
N LEU D 55 -3.28 14.14 -7.18
CA LEU D 55 -2.72 15.45 -7.11
C LEU D 55 -1.88 15.71 -8.38
N ASP D 56 -1.76 17.01 -8.67
CA ASP D 56 -0.94 17.37 -9.86
C ASP D 56 0.47 17.63 -9.32
N GLN D 57 1.44 16.96 -9.91
CA GLN D 57 2.82 17.13 -9.41
C GLN D 57 3.44 18.42 -9.94
N GLN D 58 2.90 18.92 -11.03
CA GLN D 58 3.42 20.17 -11.63
C GLN D 58 2.54 21.30 -11.09
N ASN D 59 2.17 21.19 -9.87
CA ASN D 59 1.34 22.12 -9.11
C ASN D 59 1.88 21.79 -7.71
N PRO D 60 1.95 22.82 -6.94
CA PRO D 60 2.51 22.72 -5.59
C PRO D 60 1.56 22.48 -4.49
N LEU D 61 0.31 22.13 -4.76
CA LEU D 61 -0.66 21.81 -3.70
C LEU D 61 -0.10 20.62 -2.89
N TYR D 62 0.56 19.71 -3.60
CA TYR D 62 1.18 18.50 -3.07
C TYR D 62 2.35 18.81 -2.15
N LYS D 63 3.04 19.89 -2.39
CA LYS D 63 4.18 20.30 -1.54
C LYS D 63 3.68 20.66 -0.14
N LYS D 64 2.62 21.41 -0.11
CA LYS D 64 2.01 21.84 1.12
C LYS D 64 1.49 20.63 1.91
N ILE D 65 0.84 19.73 1.19
CA ILE D 65 0.33 18.50 1.82
C ILE D 65 1.49 17.70 2.45
N ILE D 66 2.54 17.46 1.70
CA ILE D 66 3.67 16.71 2.24
C ILE D 66 4.14 17.33 3.56
N LYS D 67 4.28 18.65 3.51
CA LYS D 67 4.74 19.41 4.67
C LYS D 67 3.80 19.28 5.83
N ARG D 68 2.54 19.21 5.49
CA ARG D 68 1.53 19.08 6.54
C ARG D 68 1.65 17.70 7.16
N LEU D 69 1.67 16.67 6.35
CA LEU D 69 1.69 15.29 6.78
C LEU D 69 2.90 14.96 7.63
N LEU D 70 3.95 15.75 7.49
CA LEU D 70 5.22 15.56 8.21
C LEU D 70 5.39 16.22 9.57
N LYS D 71 4.43 16.99 10.01
CA LYS D 71 4.31 17.66 11.30
C LYS D 71 3.78 16.73 12.39
N SER D 72 4.30 16.95 13.57
CA SER D 72 4.08 16.30 14.83
C SER D 72 3.54 17.35 15.84
NI TCN E . -5.37 5.39 -19.45
C1 TCN E . -6.21 3.92 -20.23
N1 TCN E . -6.74 3.01 -20.69
C2 TCN E . -6.90 6.43 -19.75
N2 TCN E . -7.83 7.07 -19.95
C3 TCN E . -4.56 6.85 -18.60
N3 TCN E . -4.05 7.75 -18.08
C4 TCN E . -3.86 4.35 -19.11
N4 TCN E . -2.94 3.69 -18.87
#